data_3TL4
#
_entry.id   3TL4
#
_cell.length_a   40.800
_cell.length_b   34.620
_cell.length_c   74.269
_cell.angle_alpha   90.000
_cell.angle_beta   97.610
_cell.angle_gamma   90.000
#
_symmetry.space_group_name_H-M   'P 1 21 1'
#
loop_
_entity.id
_entity.type
_entity.pdbx_description
1 polymer 'Glutaminyl-tRNA synthetase'
2 water water
#
_entity_poly.entity_id   1
_entity_poly.type   'polypeptide(L)'
_entity_poly.pdbx_seq_one_letter_code
;(MSE)SSVEELTQLFSQVGFEDKKVKEIVKNKKVSDSLYKLIKETPSDYQWNKSTRALVHNLASFVKGTDLPKSELIVNG
IINGDLKTSLQVDAAFKYVKANGEASTK(MSE)G(MSE)NENSGVGIEITEDQVRNYV(MSE)QYIQENKERILTERYKL
VPGIFADVKNLKELKWADPRSFKPIIDQEVLKLLGPKDERDLI
;
_entity_poly.pdbx_strand_id   X
#
# COMPACT_ATOMS: atom_id res chain seq x y z
N SER A 2 20.10 -21.17 2.16
CA SER A 2 21.10 -21.33 3.21
C SER A 2 22.22 -20.29 3.14
N SER A 3 23.32 -20.61 2.44
CA SER A 3 24.50 -19.73 2.41
C SER A 3 24.32 -18.47 1.55
N VAL A 4 25.13 -17.45 1.81
CA VAL A 4 25.03 -16.18 1.10
C VAL A 4 25.07 -16.39 -0.40
N GLU A 5 25.81 -17.41 -0.83
CA GLU A 5 25.94 -17.65 -2.26
C GLU A 5 24.62 -18.14 -2.84
N GLU A 6 23.91 -19.01 -2.11
CA GLU A 6 22.64 -19.54 -2.59
C GLU A 6 21.60 -18.44 -2.60
N LEU A 7 21.52 -17.72 -1.49
CA LEU A 7 20.61 -16.58 -1.37
C LEU A 7 20.84 -15.59 -2.51
N THR A 8 22.10 -15.27 -2.77
CA THR A 8 22.47 -14.34 -3.83
C THR A 8 21.97 -14.83 -5.18
N GLN A 9 22.17 -16.12 -5.44
CA GLN A 9 21.81 -16.70 -6.73
C GLN A 9 20.31 -16.58 -7.01
N LEU A 10 19.48 -16.98 -6.04
CA LEU A 10 18.03 -16.96 -6.22
C LEU A 10 17.49 -15.55 -6.47
N PHE A 11 17.96 -14.61 -5.66
CA PHE A 11 17.45 -13.24 -5.69
C PHE A 11 17.74 -12.53 -7.00
N SER A 12 18.93 -12.73 -7.54
CA SER A 12 19.28 -12.10 -8.80
C SER A 12 18.61 -12.84 -9.96
N GLN A 13 18.29 -14.11 -9.75
CA GLN A 13 17.58 -14.89 -10.75
C GLN A 13 16.12 -14.46 -10.90
N VAL A 14 15.51 -14.04 -9.79
CA VAL A 14 14.16 -13.49 -9.86
C VAL A 14 14.20 -12.03 -10.31
N GLY A 15 15.40 -11.49 -10.45
CA GLY A 15 15.58 -10.21 -11.11
C GLY A 15 15.87 -9.02 -10.21
N PHE A 16 16.18 -9.28 -8.94
CA PHE A 16 16.65 -8.19 -8.08
C PHE A 16 17.97 -7.72 -8.64
N GLU A 17 18.15 -6.40 -8.69
CA GLU A 17 19.40 -5.85 -9.19
C GLU A 17 20.52 -6.07 -8.17
N ASP A 18 21.74 -6.14 -8.69
CA ASP A 18 22.92 -6.53 -7.94
C ASP A 18 23.19 -5.68 -6.70
N LYS A 19 22.94 -4.39 -6.80
CA LYS A 19 23.13 -3.48 -5.68
C LYS A 19 22.07 -3.72 -4.62
N LYS A 20 20.89 -4.15 -5.06
CA LYS A 20 19.77 -4.43 -4.17
C LYS A 20 20.00 -5.73 -3.42
N VAL A 21 20.35 -6.78 -4.14
CA VAL A 21 20.71 -8.07 -3.55
C VAL A 21 21.78 -7.93 -2.46
N LYS A 22 22.79 -7.11 -2.72
CA LYS A 22 23.91 -6.92 -1.79
C LYS A 22 23.40 -6.32 -0.46
N GLU A 23 22.47 -5.39 -0.57
CA GLU A 23 21.83 -4.76 0.58
C GLU A 23 20.94 -5.76 1.34
N ILE A 24 20.11 -6.51 0.62
CA ILE A 24 19.24 -7.52 1.22
C ILE A 24 19.97 -8.56 2.10
N VAL A 25 21.08 -9.10 1.60
CA VAL A 25 21.81 -10.15 2.31
C VAL A 25 22.56 -9.60 3.53
N LYS A 26 22.63 -8.28 3.63
CA LYS A 26 23.14 -7.64 4.83
C LYS A 26 22.28 -8.08 6.03
N ASN A 27 20.98 -8.25 5.76
CA ASN A 27 20.01 -8.63 6.79
C ASN A 27 19.59 -10.09 6.67
N LYS A 28 20.22 -10.96 7.45
CA LYS A 28 20.06 -12.39 7.24
C LYS A 28 18.69 -12.96 7.61
N LYS A 29 18.00 -12.33 8.57
CA LYS A 29 16.66 -12.79 8.93
C LYS A 29 15.68 -12.53 7.79
N VAL A 30 15.66 -11.30 7.29
CA VAL A 30 14.82 -10.92 6.17
C VAL A 30 15.15 -11.74 4.91
N SER A 31 16.43 -12.01 4.69
CA SER A 31 16.89 -12.84 3.58
C SER A 31 16.36 -14.26 3.67
N ASP A 32 16.39 -14.84 4.86
CA ASP A 32 15.83 -16.18 5.08
C ASP A 32 14.37 -16.25 4.72
N SER A 33 13.60 -15.25 5.13
CA SER A 33 12.16 -15.21 4.83
C SER A 33 11.96 -14.99 3.34
N LEU A 34 12.73 -14.07 2.76
CA LEU A 34 12.59 -13.77 1.34
C LEU A 34 12.79 -15.04 0.53
N TYR A 35 13.88 -15.75 0.81
CA TYR A 35 14.18 -17.04 0.17
C TYR A 35 12.99 -18.01 0.27
N LYS A 36 12.51 -18.24 1.49
CA LYS A 36 11.42 -19.21 1.67
C LYS A 36 10.14 -18.75 1.00
N LEU A 37 9.84 -17.45 1.06
CA LEU A 37 8.67 -16.90 0.38
C LEU A 37 8.75 -17.08 -1.14
N ILE A 38 9.87 -16.68 -1.74
CA ILE A 38 10.09 -16.92 -3.16
C ILE A 38 9.98 -18.41 -3.57
N LYS A 39 10.40 -19.31 -2.70
CA LYS A 39 10.40 -20.74 -3.04
C LYS A 39 9.01 -21.39 -3.00
N GLU A 40 8.03 -20.73 -2.38
CA GLU A 40 6.66 -21.25 -2.37
C GLU A 40 5.78 -20.58 -3.43
N THR A 41 6.41 -20.18 -4.54
CA THR A 41 5.72 -19.69 -5.73
C THR A 41 6.09 -20.65 -6.85
N PRO A 42 5.24 -20.74 -7.87
CA PRO A 42 5.46 -21.62 -9.03
C PRO A 42 6.84 -21.45 -9.66
N SER A 43 7.46 -22.55 -10.05
CA SER A 43 8.79 -22.54 -10.66
C SER A 43 8.86 -21.66 -11.91
N ASP A 44 7.77 -21.59 -12.66
CA ASP A 44 7.77 -20.85 -13.91
C ASP A 44 7.17 -19.46 -13.77
N TYR A 45 6.89 -19.02 -12.54
CA TYR A 45 6.38 -17.68 -12.35
C TYR A 45 7.45 -16.64 -12.69
N GLN A 46 7.02 -15.54 -13.30
CA GLN A 46 7.93 -14.49 -13.75
C GLN A 46 7.79 -13.24 -12.91
N TRP A 47 8.79 -12.96 -12.08
CA TRP A 47 8.73 -11.82 -11.18
C TRP A 47 8.81 -10.50 -11.97
N ASN A 48 8.37 -9.41 -11.36
CA ASN A 48 8.59 -8.09 -11.93
C ASN A 48 8.94 -7.11 -10.82
N LYS A 49 9.16 -5.85 -11.17
CA LYS A 49 9.60 -4.85 -10.20
C LYS A 49 8.58 -4.72 -9.07
N SER A 50 7.31 -4.77 -9.43
CA SER A 50 6.21 -4.65 -8.48
C SER A 50 6.15 -5.81 -7.48
N THR A 51 6.10 -7.05 -7.97
CA THR A 51 5.94 -8.19 -7.05
C THR A 51 7.23 -8.49 -6.27
N ARG A 52 8.39 -8.33 -6.89
CA ARG A 52 9.66 -8.39 -6.17
C ARG A 52 9.63 -7.46 -4.96
N ALA A 53 9.17 -6.22 -5.17
CA ALA A 53 9.14 -5.23 -4.10
C ALA A 53 8.13 -5.64 -3.03
N LEU A 54 6.98 -6.14 -3.46
CA LEU A 54 5.93 -6.51 -2.53
C LEU A 54 6.33 -7.72 -1.68
N VAL A 55 7.00 -8.68 -2.29
CA VAL A 55 7.45 -9.84 -1.54
C VAL A 55 8.59 -9.45 -0.58
N HIS A 56 9.43 -8.50 -0.98
CA HIS A 56 10.41 -7.97 -0.05
C HIS A 56 9.77 -7.26 1.15
N ASN A 57 8.74 -6.45 0.88
CA ASN A 57 7.94 -5.91 1.97
C ASN A 57 7.49 -7.01 2.92
N LEU A 58 6.92 -8.06 2.35
CA LEU A 58 6.42 -9.16 3.16
C LEU A 58 7.51 -9.79 3.98
N ALA A 59 8.68 -9.98 3.35
CA ALA A 59 9.82 -10.58 4.03
C ALA A 59 10.25 -9.68 5.16
N SER A 60 10.13 -8.36 4.96
CA SER A 60 10.59 -7.42 5.97
C SER A 60 9.63 -7.41 7.18
N PHE A 61 8.39 -7.84 6.95
CA PHE A 61 7.39 -7.97 8.02
C PHE A 61 7.61 -9.28 8.79
N VAL A 62 7.87 -10.36 8.06
CA VAL A 62 8.07 -11.68 8.64
C VAL A 62 9.39 -11.76 9.41
N LYS A 63 10.42 -11.13 8.85
CA LYS A 63 11.77 -10.95 9.44
C LYS A 63 12.33 -12.13 10.22
N GLY A 64 12.46 -13.26 9.52
CA GLY A 64 13.09 -14.44 10.06
C GLY A 64 12.17 -15.38 10.80
N THR A 65 10.97 -14.90 11.13
CA THR A 65 10.00 -15.72 11.88
C THR A 65 9.13 -16.57 10.98
N ASP A 66 8.62 -17.68 11.50
CA ASP A 66 7.70 -18.50 10.73
C ASP A 66 6.27 -18.02 10.87
N LEU A 67 5.63 -17.78 9.73
CA LEU A 67 4.23 -17.34 9.71
C LEU A 67 3.36 -18.42 9.07
N PRO A 68 2.47 -19.06 9.87
CA PRO A 68 1.56 -20.04 9.28
C PRO A 68 0.70 -19.40 8.20
N LYS A 69 0.42 -20.13 7.12
CA LYS A 69 -0.37 -19.64 6.01
C LYS A 69 0.25 -18.41 5.30
N SER A 70 1.56 -18.24 5.40
CA SER A 70 2.24 -17.14 4.72
C SER A 70 1.98 -17.20 3.20
N GLU A 71 1.82 -18.41 2.67
CA GLU A 71 1.65 -18.59 1.22
C GLU A 71 0.37 -17.94 0.70
N LEU A 72 -0.57 -17.65 1.58
CA LEU A 72 -1.79 -16.96 1.15
C LEU A 72 -1.42 -15.57 0.70
N ILE A 73 -0.58 -14.90 1.49
CA ILE A 73 -0.09 -13.57 1.14
C ILE A 73 0.74 -13.60 -0.15
N VAL A 74 1.68 -14.53 -0.23
CA VAL A 74 2.47 -14.67 -1.45
C VAL A 74 1.62 -14.89 -2.71
N ASN A 75 0.66 -15.81 -2.63
CA ASN A 75 -0.22 -16.05 -3.77
C ASN A 75 -1.02 -14.80 -4.16
N GLY A 76 -1.42 -14.03 -3.15
CA GLY A 76 -2.11 -12.78 -3.37
C GLY A 76 -1.25 -11.77 -4.09
N ILE A 77 0.01 -11.69 -3.70
CA ILE A 77 0.94 -10.80 -4.40
C ILE A 77 1.08 -11.29 -5.84
N ILE A 78 1.56 -12.52 -6.03
CA ILE A 78 1.88 -12.95 -7.39
C ILE A 78 0.66 -13.03 -8.30
N ASN A 79 -0.53 -13.22 -7.75
CA ASN A 79 -1.72 -13.20 -8.60
C ASN A 79 -2.39 -11.83 -8.77
N GLY A 80 -1.81 -10.78 -8.19
CA GLY A 80 -2.29 -9.43 -8.46
C GLY A 80 -3.43 -8.96 -7.56
N ASP A 81 -3.81 -9.78 -6.57
CA ASP A 81 -4.82 -9.39 -5.60
C ASP A 81 -4.30 -8.29 -4.67
N LEU A 82 -3.08 -8.49 -4.18
CA LEU A 82 -2.44 -7.52 -3.27
C LEU A 82 -1.46 -6.68 -4.05
N LYS A 83 -1.85 -5.45 -4.37
CA LYS A 83 -1.09 -4.57 -5.26
C LYS A 83 -0.21 -3.55 -4.54
N THR A 84 -0.50 -3.25 -3.28
CA THR A 84 0.25 -2.19 -2.58
C THR A 84 0.91 -2.69 -1.29
N SER A 85 1.89 -1.93 -0.81
CA SER A 85 2.53 -2.20 0.47
C SER A 85 1.50 -2.20 1.57
N LEU A 86 0.52 -1.31 1.39
CA LEU A 86 -0.58 -1.16 2.32
C LEU A 86 -1.44 -2.43 2.40
N GLN A 87 -1.75 -3.02 1.25
CA GLN A 87 -2.52 -4.27 1.21
C GLN A 87 -1.71 -5.43 1.77
N VAL A 88 -0.40 -5.41 1.51
CA VAL A 88 0.46 -6.48 2.00
C VAL A 88 0.60 -6.40 3.52
N ASP A 89 0.71 -5.19 4.04
CA ASP A 89 0.77 -5.01 5.48
C ASP A 89 -0.53 -5.49 6.15
N ALA A 90 -1.67 -5.11 5.59
CA ALA A 90 -2.97 -5.61 6.06
C ALA A 90 -3.09 -7.14 5.98
N ALA A 91 -2.73 -7.72 4.85
CA ALA A 91 -2.83 -9.16 4.69
C ALA A 91 -1.91 -9.86 5.70
N PHE A 92 -0.73 -9.31 5.91
CA PHE A 92 0.19 -9.83 6.93
C PHE A 92 -0.42 -9.74 8.33
N LYS A 93 -0.97 -8.59 8.69
CA LYS A 93 -1.59 -8.47 9.99
C LYS A 93 -2.73 -9.45 10.18
N TYR A 94 -3.48 -9.71 9.11
CA TYR A 94 -4.65 -10.59 9.19
C TYR A 94 -4.22 -12.02 9.39
N VAL A 95 -3.25 -12.44 8.59
CA VAL A 95 -2.78 -13.82 8.61
C VAL A 95 -2.08 -14.09 9.93
N LYS A 96 -1.37 -13.09 10.44
CA LYS A 96 -0.77 -13.20 11.76
C LYS A 96 -1.81 -13.32 12.88
N ALA A 97 -2.87 -12.52 12.80
CA ALA A 97 -3.96 -12.55 13.78
C ALA A 97 -4.68 -13.89 13.83
N ASN A 98 -4.94 -14.46 12.66
CA ASN A 98 -5.78 -15.64 12.55
C ASN A 98 -5.01 -16.95 12.49
N GLY A 99 -3.71 -16.89 12.25
CA GLY A 99 -2.91 -18.09 12.15
C GLY A 99 -3.45 -19.05 11.11
N GLU A 100 -3.49 -20.32 11.48
CA GLU A 100 -3.90 -21.40 10.58
C GLU A 100 -5.38 -21.35 10.15
N ALA A 101 -6.20 -20.61 10.89
CA ALA A 101 -7.62 -20.42 10.53
C ALA A 101 -7.76 -19.45 9.35
N SER A 102 -6.67 -18.79 8.98
CA SER A 102 -6.70 -17.83 7.87
C SER A 102 -7.13 -18.52 6.58
N THR A 103 -7.97 -17.86 5.80
CA THR A 103 -8.27 -18.31 4.45
C THR A 103 -8.05 -17.18 3.47
N LYS A 104 -7.95 -17.54 2.20
CA LYS A 104 -7.83 -16.58 1.11
C LYS A 104 -8.91 -15.52 1.22
N MSE A 105 -10.18 -15.91 1.32
CA MSE A 105 -11.28 -14.95 1.31
C MSE A 105 -11.25 -14.03 2.52
O MSE A 105 -11.59 -12.85 2.42
CB MSE A 105 -12.66 -15.62 1.31
CG MSE A 105 -12.80 -16.88 0.51
SE MSE A 105 -14.56 -17.62 0.82
CE MSE A 105 -15.58 -16.05 0.28
N GLY A 106 -10.88 -14.59 3.67
CA GLY A 106 -10.79 -13.80 4.89
C GLY A 106 -9.73 -12.73 4.73
N MSE A 107 -8.56 -13.15 4.25
CA MSE A 107 -7.48 -12.22 4.02
C MSE A 107 -7.87 -11.16 2.98
O MSE A 107 -7.77 -9.97 3.24
CB MSE A 107 -6.26 -12.98 3.52
CG MSE A 107 -5.02 -12.13 3.44
SE MSE A 107 -3.68 -12.97 2.29
CE MSE A 107 -4.61 -12.88 0.58
N ASN A 108 -8.34 -11.60 1.82
CA ASN A 108 -8.82 -10.70 0.78
C ASN A 108 -9.80 -9.66 1.32
N GLU A 109 -10.83 -10.14 2.00
CA GLU A 109 -11.85 -9.29 2.60
C GLU A 109 -11.30 -8.23 3.56
N ASN A 110 -10.14 -8.51 4.16
CA ASN A 110 -9.55 -7.58 5.11
C ASN A 110 -8.27 -6.91 4.61
N SER A 111 -8.00 -7.04 3.31
CA SER A 111 -6.84 -6.42 2.71
C SER A 111 -7.22 -5.60 1.49
N GLY A 112 -8.44 -5.08 1.49
CA GLY A 112 -8.88 -4.20 0.41
C GLY A 112 -8.93 -4.84 -0.96
N VAL A 113 -8.87 -6.17 -1.02
CA VAL A 113 -8.86 -6.86 -2.31
C VAL A 113 -10.18 -6.62 -3.05
N GLY A 114 -10.08 -6.25 -4.33
CA GLY A 114 -11.27 -6.03 -5.13
C GLY A 114 -11.90 -4.65 -4.93
N ILE A 115 -11.41 -3.92 -3.94
CA ILE A 115 -11.86 -2.56 -3.71
C ILE A 115 -11.19 -1.61 -4.70
N GLU A 116 -11.98 -1.00 -5.57
CA GLU A 116 -11.49 0.11 -6.38
C GLU A 116 -12.32 1.38 -6.23
N ILE A 117 -11.74 2.36 -5.55
CA ILE A 117 -12.36 3.67 -5.38
C ILE A 117 -12.08 4.54 -6.60
N THR A 118 -13.15 4.96 -7.27
CA THR A 118 -13.02 5.72 -8.51
C THR A 118 -12.78 7.20 -8.20
N GLU A 119 -12.25 7.94 -9.18
CA GLU A 119 -12.11 9.38 -9.03
C GLU A 119 -13.45 9.99 -8.56
N ASP A 120 -14.55 9.45 -9.07
CA ASP A 120 -15.87 9.99 -8.74
C ASP A 120 -16.22 9.77 -7.26
N GLN A 121 -15.80 8.63 -6.72
CA GLN A 121 -16.04 8.37 -5.31
C GLN A 121 -15.14 9.25 -4.41
N VAL A 122 -13.85 9.36 -4.75
CA VAL A 122 -12.97 10.28 -4.01
C VAL A 122 -13.65 11.64 -3.94
N ARG A 123 -14.13 12.11 -5.08
CA ARG A 123 -14.81 13.41 -5.19
C ARG A 123 -16.03 13.52 -4.27
N ASN A 124 -16.85 12.48 -4.23
CA ASN A 124 -17.97 12.46 -3.30
C ASN A 124 -17.51 12.66 -1.87
N TYR A 125 -16.51 11.87 -1.45
CA TYR A 125 -16.02 11.94 -0.07
C TYR A 125 -15.42 13.30 0.27
N VAL A 126 -14.66 13.86 -0.67
CA VAL A 126 -14.10 15.21 -0.53
C VAL A 126 -15.22 16.27 -0.40
N MSE A 127 -16.23 16.16 -1.25
CA MSE A 127 -17.37 17.08 -1.21
C MSE A 127 -18.07 17.07 0.14
O MSE A 127 -18.40 18.12 0.69
CB MSE A 127 -18.40 16.74 -2.29
CG MSE A 127 -17.90 16.97 -3.69
SE MSE A 127 -19.32 16.69 -5.00
CE MSE A 127 -20.49 18.17 -4.49
N GLN A 128 -18.29 15.87 0.65
CA GLN A 128 -18.92 15.64 1.94
C GLN A 128 -18.12 16.29 3.06
N TYR A 129 -16.81 16.06 3.04
CA TYR A 129 -15.92 16.68 4.01
C TYR A 129 -16.03 18.20 3.98
N ILE A 130 -15.96 18.76 2.78
CA ILE A 130 -16.08 20.21 2.59
C ILE A 130 -17.41 20.76 3.11
N GLN A 131 -18.50 20.06 2.83
CA GLN A 131 -19.83 20.43 3.35
C GLN A 131 -19.84 20.47 4.90
N GLU A 132 -19.21 19.47 5.48
CA GLU A 132 -19.17 19.27 6.93
C GLU A 132 -18.32 20.32 7.63
N ASN A 133 -17.32 20.82 6.91
CA ASN A 133 -16.39 21.76 7.48
C ASN A 133 -16.49 23.12 6.79
N LYS A 134 -17.61 23.37 6.13
CA LYS A 134 -17.74 24.51 5.20
C LYS A 134 -17.34 25.85 5.82
N GLU A 135 -17.85 26.17 7.01
CA GLU A 135 -17.56 27.48 7.61
C GLU A 135 -16.13 27.64 8.13
N ARG A 136 -15.53 26.56 8.61
CA ARG A 136 -14.11 26.61 8.98
C ARG A 136 -13.30 26.86 7.72
N ILE A 137 -13.67 26.22 6.63
CA ILE A 137 -12.99 26.41 5.34
C ILE A 137 -13.23 27.78 4.69
N LEU A 138 -14.44 28.32 4.77
CA LEU A 138 -14.72 29.66 4.23
C LEU A 138 -13.96 30.74 4.97
N THR A 139 -13.79 30.53 6.26
CA THR A 139 -13.07 31.49 7.10
C THR A 139 -11.57 31.49 6.84
N GLU A 140 -11.00 30.31 6.64
CA GLU A 140 -9.54 30.18 6.53
C GLU A 140 -9.05 30.21 5.08
N ARG A 141 -9.95 29.82 4.17
CA ARG A 141 -9.69 29.82 2.74
C ARG A 141 -8.53 28.93 2.35
N TYR A 142 -7.69 29.39 1.44
CA TYR A 142 -6.68 28.53 0.84
C TYR A 142 -5.56 28.08 1.79
N LYS A 143 -5.31 28.86 2.84
CA LYS A 143 -4.39 28.46 3.89
C LYS A 143 -4.72 27.10 4.52
N LEU A 144 -5.96 26.67 4.39
CA LEU A 144 -6.42 25.44 5.01
C LEU A 144 -6.28 24.22 4.11
N VAL A 145 -5.98 24.45 2.84
CA VAL A 145 -5.90 23.35 1.88
C VAL A 145 -4.93 22.21 2.30
N PRO A 146 -3.77 22.54 2.88
CA PRO A 146 -2.92 21.43 3.34
C PRO A 146 -3.56 20.63 4.50
N GLY A 147 -4.44 21.28 5.27
CA GLY A 147 -5.17 20.63 6.33
C GLY A 147 -6.30 19.75 5.82
N ILE A 148 -6.96 20.20 4.77
CA ILE A 148 -8.04 19.42 4.15
C ILE A 148 -7.45 18.12 3.61
N PHE A 149 -6.27 18.24 3.00
CA PHE A 149 -5.57 17.10 2.42
C PHE A 149 -5.23 16.06 3.47
N ALA A 150 -4.65 16.52 4.57
CA ALA A 150 -4.33 15.61 5.68
C ALA A 150 -5.56 14.87 6.18
N ASP A 151 -6.69 15.58 6.26
CA ASP A 151 -7.92 14.99 6.80
C ASP A 151 -8.58 14.02 5.82
N VAL A 152 -8.51 14.36 4.54
CA VAL A 152 -9.01 13.50 3.47
C VAL A 152 -8.24 12.17 3.38
N LYS A 153 -6.91 12.23 3.46
CA LYS A 153 -6.11 11.01 3.49
C LYS A 153 -6.55 10.09 4.63
N ASN A 154 -6.85 10.68 5.78
CA ASN A 154 -7.21 9.92 6.97
C ASN A 154 -8.67 9.38 6.96
N LEU A 155 -9.48 9.73 5.96
CA LEU A 155 -10.85 9.23 5.90
C LEU A 155 -10.81 7.72 5.67
N LYS A 156 -11.48 6.95 6.53
CA LYS A 156 -11.44 5.49 6.43
C LYS A 156 -12.09 4.95 5.15
N GLU A 157 -13.00 5.71 4.55
CA GLU A 157 -13.57 5.31 3.27
C GLU A 157 -12.53 5.35 2.16
N LEU A 158 -11.46 6.11 2.37
CA LEU A 158 -10.40 6.28 1.36
C LEU A 158 -9.12 5.48 1.65
N LYS A 159 -9.18 4.61 2.64
CA LYS A 159 -8.04 3.79 3.00
C LYS A 159 -7.40 3.11 1.79
N TRP A 160 -8.23 2.54 0.92
CA TRP A 160 -7.74 1.77 -0.22
C TRP A 160 -7.66 2.56 -1.52
N ALA A 161 -8.02 3.84 -1.47
CA ALA A 161 -7.96 4.70 -2.66
C ALA A 161 -6.53 5.09 -3.01
N ASP A 162 -6.29 5.35 -4.30
CA ASP A 162 -5.01 5.87 -4.77
C ASP A 162 -4.87 7.33 -4.36
N PRO A 163 -3.89 7.63 -3.50
CA PRO A 163 -3.75 8.95 -2.87
C PRO A 163 -3.20 10.03 -3.80
N ARG A 164 -2.89 9.67 -5.04
CA ARG A 164 -2.39 10.64 -5.99
C ARG A 164 -3.55 11.44 -6.57
N SER A 165 -4.76 10.93 -6.40
CA SER A 165 -5.94 11.60 -6.88
C SER A 165 -6.40 12.63 -5.88
N PHE A 166 -5.98 12.48 -4.63
CA PHE A 166 -6.56 13.32 -3.59
C PHE A 166 -6.33 14.83 -3.84
N LYS A 167 -5.12 15.22 -4.20
CA LYS A 167 -4.80 16.65 -4.26
C LYS A 167 -5.49 17.45 -5.38
N PRO A 168 -5.47 16.93 -6.61
CA PRO A 168 -6.17 17.59 -7.71
C PRO A 168 -7.68 17.68 -7.48
N ILE A 169 -8.27 16.65 -6.93
CA ILE A 169 -9.71 16.69 -6.72
C ILE A 169 -10.07 17.69 -5.63
N ILE A 170 -9.22 17.81 -4.61
CA ILE A 170 -9.39 18.83 -3.59
C ILE A 170 -9.26 20.25 -4.11
N ASP A 171 -8.20 20.50 -4.88
CA ASP A 171 -8.02 21.81 -5.51
C ASP A 171 -9.25 22.22 -6.33
N GLN A 172 -9.81 21.28 -7.10
CA GLN A 172 -11.00 21.58 -7.90
C GLN A 172 -12.21 21.89 -7.03
N GLU A 173 -12.45 21.09 -6.01
CA GLU A 173 -13.63 21.29 -5.17
C GLU A 173 -13.54 22.55 -4.33
N VAL A 174 -12.35 22.89 -3.88
CA VAL A 174 -12.17 24.07 -3.04
C VAL A 174 -12.42 25.32 -3.85
N LEU A 175 -11.95 25.31 -5.09
CA LEU A 175 -12.22 26.39 -6.04
C LEU A 175 -13.70 26.69 -6.14
N LYS A 176 -14.53 25.64 -6.20
CA LYS A 176 -15.99 25.84 -6.37
C LYS A 176 -16.58 26.67 -5.23
N LEU A 177 -16.09 26.44 -4.02
CA LEU A 177 -16.58 27.09 -2.80
C LEU A 177 -15.95 28.46 -2.55
N LEU A 178 -14.66 28.57 -2.85
CA LEU A 178 -13.88 29.74 -2.44
C LEU A 178 -13.84 30.76 -3.56
N GLY A 179 -13.95 30.28 -4.79
CA GLY A 179 -13.69 31.08 -5.96
C GLY A 179 -12.20 31.13 -6.13
N PRO A 180 -11.71 31.93 -7.09
CA PRO A 180 -10.26 31.95 -7.31
C PRO A 180 -9.51 32.67 -6.19
N LYS A 181 -8.21 32.40 -6.07
CA LYS A 181 -7.36 33.07 -5.11
C LYS A 181 -7.35 34.57 -5.39
N ASP A 182 -7.49 35.35 -4.33
CA ASP A 182 -7.47 36.80 -4.44
C ASP A 182 -6.68 37.45 -3.29
N GLU A 183 -6.90 38.74 -3.05
CA GLU A 183 -6.06 39.49 -2.11
C GLU A 183 -6.15 38.88 -0.71
N ARG A 184 -7.27 38.24 -0.42
CA ARG A 184 -7.48 37.55 0.86
C ARG A 184 -6.51 36.40 1.04
N ASP A 185 -5.95 35.93 -0.06
CA ASP A 185 -5.13 34.72 -0.01
C ASP A 185 -3.64 34.99 -0.11
N LEU A 186 -3.22 36.25 -0.02
CA LEU A 186 -1.80 36.59 -0.08
C LEU A 186 -0.94 36.08 1.08
N ILE A 187 0.24 35.58 0.73
CA ILE A 187 1.26 35.14 1.68
C ILE A 187 2.63 35.66 1.26
#